data_2D26
#
_entry.id   2D26
#
_cell.length_a   109.830
_cell.length_b   85.180
_cell.length_c   76.260
_cell.angle_alpha   90.00
_cell.angle_beta   121.01
_cell.angle_gamma   90.00
#
_symmetry.space_group_name_H-M   'C 1 2 1'
#
loop_
_entity.id
_entity.type
_entity.pdbx_description
1 polymer Alpha-1-antitrypsin
2 polymer Alpha-1-antitrypsin
3 polymer Elastase-1
4 water water
#
loop_
_entity_poly.entity_id
_entity_poly.type
_entity_poly.pdbx_seq_one_letter_code
_entity_poly.pdbx_strand_id
1 'polypeptide(L)'
;MDPQGDAAQKTDTSHHDQDHPTFNKITPNLAEFAFSLYRQLAHQSNSTNILFSPVSIAAAFAMLSLGAKGDTHDEILEGL
NFNLTEIPEAQIHEGFQELLHTLNQPDSQLQLTTGNGLFLSEGLKLVDKFLEDVKKLYHSEAFTVNFGDTEEAKKQINDY
VEKGTQGKIVDLVKELDRDTVFALVNYIFFKGKWERPFEVKDTEEEDFHVDQVTTVKVPMMKRLGMFNIQHSKKLSSWVL
LMKYLGNATAIFFLPDEGKLQHLENELTHDIITKFLENEDRRSASLHLPKLSITGTYDLKSVLGQLGITKVFSNGADLSG
VTEEAPLKLSKAVHKAVLTIDEKGTEAAGAMFLEAIPM
;
A
2 'polypeptide(L)' SIPPEVKFNKPFVFLIIEQNTKAPLFMGRVVNPTQK B
3 'polypeptide(L)'
;VVGGTEAQRNSWPSQISLQYRSGSSWAHTCGGTLIRQNWVMTAAHCVDRELTFRVVVGEHNLNQNDGTEQYVGVQKIVVH
PYWNTDDVAAGYDIALLRLAQSVTLNSYVQLGVLPRAGTILANNSPCYITGWGLTRTNGQLAQTLQQAYLPTVDYAICSS
SSYWGSTVKNSMVCAGGDGVRSGCQGDSGGPLHCLVNGQYAVHGVTSFVSRLGCNVTRKPTVFTRVSAYISWINNVIASN
;
C
#
# COMPACT_ATOMS: atom_id res chain seq x y z
N PHE A 23 14.96 20.80 20.80
CA PHE A 23 15.70 19.51 20.87
C PHE A 23 14.87 18.34 20.32
N ASN A 24 14.36 18.49 19.10
CA ASN A 24 13.55 17.46 18.43
C ASN A 24 14.29 16.15 18.19
N LYS A 25 13.59 15.15 17.64
CA LYS A 25 14.20 13.84 17.40
C LYS A 25 13.39 12.76 16.67
N ILE A 26 12.62 11.97 17.42
CA ILE A 26 11.84 10.85 16.86
C ILE A 26 12.64 10.06 15.80
N THR A 27 13.96 10.22 15.86
CA THR A 27 14.88 9.54 14.97
C THR A 27 15.07 8.09 15.44
N PRO A 28 15.28 7.88 16.75
CA PRO A 28 15.48 6.52 17.24
C PRO A 28 14.37 5.57 16.78
N ASN A 29 13.13 5.99 16.95
CA ASN A 29 12.01 5.17 16.54
C ASN A 29 12.11 4.82 15.06
N LEU A 30 12.62 5.76 14.26
CA LEU A 30 12.79 5.57 12.82
C LEU A 30 13.95 4.60 12.49
N ALA A 31 14.93 4.51 13.38
CA ALA A 31 16.06 3.61 13.19
C ALA A 31 15.55 2.20 13.49
N GLU A 32 14.88 2.04 14.64
CA GLU A 32 14.32 0.75 15.05
C GLU A 32 13.48 0.18 13.92
N PHE A 33 12.71 1.07 13.28
CA PHE A 33 11.87 0.75 12.15
C PHE A 33 12.76 0.22 11.06
N ALA A 34 13.87 0.92 10.86
CA ALA A 34 14.84 0.55 9.84
C ALA A 34 15.27 -0.89 10.04
N PHE A 35 15.36 -1.31 11.30
CA PHE A 35 15.77 -2.66 11.61
C PHE A 35 14.59 -3.62 11.55
N SER A 36 13.52 -3.34 12.30
CA SER A 36 12.32 -4.18 12.29
C SER A 36 11.99 -4.57 10.87
N LEU A 37 12.08 -3.62 9.95
CA LEU A 37 11.79 -3.90 8.55
C LEU A 37 12.90 -4.73 7.91
N TYR A 38 14.15 -4.28 8.02
CA TYR A 38 15.25 -5.04 7.45
C TYR A 38 15.27 -6.39 8.13
N ARG A 39 15.22 -6.36 9.46
CA ARG A 39 15.23 -7.56 10.27
C ARG A 39 14.20 -8.58 9.76
N GLN A 40 13.39 -8.15 8.79
CA GLN A 40 12.40 -9.03 8.16
C GLN A 40 12.96 -9.68 6.89
N LEU A 41 13.27 -8.82 5.90
CA LEU A 41 13.82 -9.33 4.65
C LEU A 41 15.05 -10.21 4.89
N ALA A 42 15.56 -10.14 6.13
CA ALA A 42 16.73 -10.95 6.47
C ALA A 42 16.32 -12.39 6.83
N HIS A 43 15.04 -12.53 7.21
CA HIS A 43 14.53 -13.85 7.56
C HIS A 43 13.98 -14.58 6.32
N GLN A 44 13.47 -13.78 5.37
CA GLN A 44 12.95 -14.36 4.14
C GLN A 44 14.07 -15.01 3.31
N SER A 45 15.04 -14.18 2.91
CA SER A 45 16.17 -14.69 2.15
C SER A 45 17.48 -14.53 2.92
N ASN A 46 18.56 -15.06 2.34
CA ASN A 46 19.86 -14.95 2.98
C ASN A 46 20.99 -14.72 1.98
N SER A 47 20.71 -15.09 0.72
CA SER A 47 21.73 -14.92 -0.31
C SER A 47 21.37 -13.77 -1.27
N THR A 48 20.43 -12.92 -0.81
CA THR A 48 20.02 -11.79 -1.64
C THR A 48 20.53 -10.46 -1.09
N ASN A 49 20.73 -9.50 -2.00
CA ASN A 49 21.21 -8.20 -1.58
C ASN A 49 20.06 -7.27 -1.16
N ILE A 50 20.00 -6.99 0.14
CA ILE A 50 18.97 -6.12 0.71
C ILE A 50 19.36 -4.63 0.52
N LEU A 51 18.37 -3.75 0.37
CA LEU A 51 18.66 -2.34 0.15
C LEU A 51 17.49 -1.36 0.01
N PHE A 52 16.96 -0.90 1.15
CA PHE A 52 15.86 0.05 1.16
C PHE A 52 16.26 1.37 1.82
N SER A 53 15.24 2.22 2.06
CA SER A 53 15.51 3.52 2.66
C SER A 53 14.37 3.95 3.59
N PRO A 54 14.62 3.82 4.90
CA PRO A 54 13.63 4.16 5.91
C PRO A 54 12.96 5.50 5.60
N VAL A 55 13.67 6.59 5.94
CA VAL A 55 13.12 7.92 5.71
C VAL A 55 12.02 7.91 4.65
N SER A 56 12.45 7.71 3.39
CA SER A 56 11.49 7.71 2.29
C SER A 56 10.17 7.05 2.69
N ILE A 57 10.28 5.76 3.06
CA ILE A 57 9.08 5.00 3.40
C ILE A 57 8.35 5.59 4.62
N ALA A 58 8.95 5.38 5.80
CA ALA A 58 8.33 5.88 7.03
C ALA A 58 8.18 7.40 7.01
N ALA A 59 7.67 7.98 5.93
CA ALA A 59 7.42 9.41 5.85
C ALA A 59 6.29 9.55 4.84
N ALA A 60 5.94 8.41 4.23
CA ALA A 60 4.85 8.33 3.26
C ALA A 60 3.69 7.82 4.09
N PHE A 61 3.96 6.82 4.91
CA PHE A 61 2.91 6.30 5.76
C PHE A 61 2.57 7.35 6.82
N ALA A 62 3.56 8.14 7.21
CA ALA A 62 3.35 9.17 8.22
C ALA A 62 2.48 10.23 7.59
N MET A 63 2.81 10.58 6.35
CA MET A 63 2.05 11.60 5.62
C MET A 63 0.64 11.07 5.41
N LEU A 64 0.54 9.76 5.26
CA LEU A 64 -0.77 9.16 5.07
C LEU A 64 -1.50 9.24 6.40
N SER A 65 -0.77 9.09 7.50
CA SER A 65 -1.38 9.12 8.82
C SER A 65 -1.99 10.44 9.25
N LEU A 66 -2.08 11.42 8.36
CA LEU A 66 -2.74 12.69 8.69
C LEU A 66 -4.18 12.45 8.30
N GLY A 67 -4.35 11.49 7.37
CA GLY A 67 -5.65 11.12 6.85
C GLY A 67 -6.14 9.81 7.45
N ALA A 68 -5.23 8.98 7.91
CA ALA A 68 -5.62 7.71 8.52
C ALA A 68 -6.41 7.98 9.80
N LYS A 69 -7.36 7.11 10.12
CA LYS A 69 -8.17 7.27 11.33
C LYS A 69 -8.45 5.96 12.09
N GLY A 70 -8.63 6.07 13.40
CA GLY A 70 -8.95 4.92 14.22
C GLY A 70 -7.97 3.75 14.25
N ASP A 71 -8.50 2.55 14.03
CA ASP A 71 -7.71 1.31 14.04
C ASP A 71 -6.78 1.23 12.85
N THR A 72 -6.99 2.12 11.89
CA THR A 72 -6.15 2.16 10.72
C THR A 72 -4.94 3.02 11.09
N HIS A 73 -5.20 4.28 11.40
CA HIS A 73 -4.16 5.21 11.78
C HIS A 73 -3.26 4.57 12.82
N ASP A 74 -3.85 3.82 13.73
CA ASP A 74 -3.10 3.15 14.79
C ASP A 74 -2.17 2.04 14.30
N GLU A 75 -2.71 1.14 13.49
CA GLU A 75 -1.94 0.03 12.95
C GLU A 75 -0.76 0.50 12.07
N ILE A 76 -0.98 1.52 11.26
CA ILE A 76 0.07 2.00 10.38
C ILE A 76 1.01 3.01 11.04
N LEU A 77 0.95 3.11 12.36
CA LEU A 77 1.82 4.05 13.05
C LEU A 77 2.71 3.28 13.98
N GLU A 78 2.17 2.83 15.11
CA GLU A 78 2.94 2.04 16.07
C GLU A 78 3.49 0.85 15.30
N GLY A 79 2.85 0.56 14.17
CA GLY A 79 3.27 -0.54 13.33
C GLY A 79 4.67 -0.29 12.80
N LEU A 80 5.23 0.87 13.15
CA LEU A 80 6.59 1.21 12.73
C LEU A 80 7.34 1.81 13.90
N ASN A 81 7.23 1.11 15.03
CA ASN A 81 7.91 1.48 16.27
C ASN A 81 7.69 2.91 16.71
N PHE A 82 6.63 3.55 16.23
CA PHE A 82 6.33 4.93 16.61
C PHE A 82 5.17 4.92 17.59
N ASN A 83 5.26 4.07 18.61
CA ASN A 83 4.23 3.90 19.64
C ASN A 83 3.55 5.14 20.22
N LEU A 84 2.22 5.13 20.13
CA LEU A 84 1.34 6.20 20.60
C LEU A 84 1.49 6.60 22.08
N THR A 85 1.03 5.73 22.98
CA THR A 85 1.07 5.97 24.43
C THR A 85 2.34 6.67 24.91
N GLU A 86 3.40 6.65 24.11
CA GLU A 86 4.66 7.26 24.48
C GLU A 86 4.94 8.64 23.85
N ILE A 87 4.67 8.78 22.56
CA ILE A 87 4.93 10.04 21.86
C ILE A 87 3.73 10.56 21.05
N PRO A 88 3.15 11.68 21.48
CA PRO A 88 2.00 12.28 20.79
C PRO A 88 2.20 12.48 19.29
N GLU A 89 1.10 12.39 18.54
CA GLU A 89 1.15 12.55 17.10
C GLU A 89 1.84 13.85 16.76
N ALA A 90 1.51 14.91 17.50
CA ALA A 90 2.11 16.23 17.27
C ALA A 90 3.61 16.14 16.98
N GLN A 91 4.35 15.49 17.88
CA GLN A 91 5.79 15.32 17.70
C GLN A 91 6.03 14.38 16.51
N ILE A 92 5.33 13.26 16.51
CA ILE A 92 5.44 12.32 15.40
C ILE A 92 5.44 13.15 14.12
N HIS A 93 4.53 14.10 14.05
CA HIS A 93 4.39 14.93 12.88
C HIS A 93 5.27 16.15 12.85
N GLU A 94 5.17 17.00 13.86
CA GLU A 94 5.98 18.21 13.92
C GLU A 94 7.43 17.77 13.79
N GLY A 95 7.78 16.75 14.57
CA GLY A 95 9.10 16.20 14.55
C GLY A 95 9.22 15.32 13.31
N PHE A 96 9.07 15.95 12.15
CA PHE A 96 9.16 15.29 10.87
C PHE A 96 9.25 16.41 9.87
N GLN A 97 8.39 17.42 10.06
CA GLN A 97 8.38 18.60 9.19
C GLN A 97 9.66 19.37 9.45
N GLU A 98 10.34 18.98 10.52
CA GLU A 98 11.59 19.59 10.92
C GLU A 98 12.71 18.69 10.48
N LEU A 99 12.44 17.39 10.48
CA LEU A 99 13.43 16.40 10.09
C LEU A 99 13.69 16.42 8.61
N LEU A 100 12.66 16.73 7.84
CA LEU A 100 12.77 16.80 6.40
C LEU A 100 13.12 18.22 5.91
N HIS A 101 12.71 19.20 6.71
CA HIS A 101 12.96 20.60 6.43
C HIS A 101 14.44 20.91 6.61
N THR A 102 15.01 20.25 7.61
CA THR A 102 16.42 20.42 7.95
C THR A 102 17.24 19.41 7.17
N LEU A 103 16.57 18.59 6.36
CA LEU A 103 17.28 17.61 5.57
C LEU A 103 17.40 18.18 4.17
N ASN A 104 16.28 18.60 3.62
CA ASN A 104 16.27 19.17 2.28
C ASN A 104 17.13 20.42 2.17
N GLN A 105 17.57 20.98 3.29
CA GLN A 105 18.41 22.18 3.27
C GLN A 105 19.85 21.90 3.70
N PRO A 106 20.63 21.20 2.86
CA PRO A 106 22.03 20.87 3.18
C PRO A 106 23.07 21.94 2.78
N ASP A 107 24.33 21.49 2.67
CA ASP A 107 25.44 22.37 2.33
C ASP A 107 25.97 22.17 0.91
N SER A 108 27.13 22.76 0.64
CA SER A 108 27.77 22.70 -0.66
C SER A 108 28.50 21.43 -1.08
N GLN A 109 29.21 20.80 -0.16
CA GLN A 109 29.96 19.59 -0.47
C GLN A 109 29.11 18.32 -0.44
N LEU A 110 27.89 18.45 0.06
CA LEU A 110 26.98 17.31 0.16
C LEU A 110 25.66 17.63 -0.52
N GLN A 111 24.91 16.59 -0.89
CA GLN A 111 23.65 16.81 -1.55
C GLN A 111 22.51 15.88 -1.14
N LEU A 112 21.81 16.26 -0.07
CA LEU A 112 20.68 15.49 0.44
C LEU A 112 19.40 16.25 0.11
N THR A 113 18.64 15.69 -0.83
CA THR A 113 17.38 16.26 -1.26
C THR A 113 16.31 15.17 -1.20
N THR A 114 15.12 15.57 -0.75
CA THR A 114 13.98 14.67 -0.64
C THR A 114 12.75 15.48 -1.04
N GLY A 115 11.73 14.81 -1.56
CA GLY A 115 10.54 15.51 -1.98
C GLY A 115 9.26 14.69 -1.85
N ASN A 116 8.19 15.35 -1.45
CA ASN A 116 6.91 14.68 -1.30
C ASN A 116 5.95 15.13 -2.39
N GLY A 117 4.83 14.42 -2.54
CA GLY A 117 3.84 14.77 -3.55
C GLY A 117 2.79 13.70 -3.78
N LEU A 118 1.53 14.05 -3.59
CA LEU A 118 0.43 13.10 -3.77
C LEU A 118 -0.46 13.54 -4.95
N PHE A 119 -0.94 12.57 -5.73
CA PHE A 119 -1.79 12.86 -6.88
C PHE A 119 -3.23 12.39 -6.65
N LEU A 120 -4.20 13.25 -7.00
CA LEU A 120 -5.61 12.92 -6.84
C LEU A 120 -6.49 13.85 -7.69
N SER A 121 -7.54 13.27 -8.30
CA SER A 121 -8.47 14.00 -9.16
C SER A 121 -8.67 15.46 -8.78
N GLU A 122 -8.85 16.31 -9.80
CA GLU A 122 -9.05 17.76 -9.60
C GLU A 122 -10.36 18.14 -8.94
N GLY A 123 -10.27 19.00 -7.91
CA GLY A 123 -11.44 19.43 -7.18
C GLY A 123 -11.96 18.28 -6.35
N LEU A 124 -11.10 17.28 -6.16
CA LEU A 124 -11.42 16.07 -5.40
C LEU A 124 -12.08 16.32 -4.06
N LYS A 125 -12.58 15.25 -3.46
CA LYS A 125 -13.21 15.31 -2.17
C LYS A 125 -12.13 15.22 -1.11
N LEU A 126 -11.23 16.20 -1.11
CA LEU A 126 -10.13 16.25 -0.15
C LEU A 126 -10.49 17.03 1.11
N VAL A 127 -10.58 16.34 2.24
CA VAL A 127 -10.89 16.99 3.49
C VAL A 127 -10.02 18.23 3.57
N ASP A 128 -10.65 19.38 3.74
CA ASP A 128 -9.92 20.64 3.81
C ASP A 128 -8.79 20.64 4.84
N LYS A 129 -9.05 20.09 6.02
CA LYS A 129 -8.06 20.06 7.09
C LYS A 129 -6.86 19.17 6.78
N PHE A 130 -7.09 18.16 5.95
CA PHE A 130 -6.04 17.21 5.56
C PHE A 130 -5.13 17.80 4.49
N LEU A 131 -5.69 18.66 3.64
CA LEU A 131 -4.92 19.29 2.56
C LEU A 131 -3.92 20.33 3.06
N GLU A 132 -4.12 20.81 4.29
CA GLU A 132 -3.21 21.81 4.87
C GLU A 132 -2.08 21.15 5.66
N ASP A 133 -2.40 20.04 6.30
CA ASP A 133 -1.43 19.30 7.12
C ASP A 133 -0.22 18.80 6.35
N VAL A 134 -0.42 17.92 5.38
CA VAL A 134 0.67 17.34 4.60
C VAL A 134 1.47 18.38 3.82
N LYS A 135 0.82 19.51 3.50
CA LYS A 135 1.47 20.59 2.78
C LYS A 135 2.19 21.54 3.75
N LYS A 136 1.87 21.40 5.03
CA LYS A 136 2.45 22.25 6.05
C LYS A 136 3.46 21.48 6.85
N LEU A 137 3.07 20.28 7.25
CA LEU A 137 3.94 19.42 8.06
C LEU A 137 4.89 18.58 7.20
N TYR A 138 4.72 18.62 5.88
CA TYR A 138 5.57 17.84 4.97
C TYR A 138 5.98 18.62 3.74
N HIS A 139 5.32 19.75 3.49
CA HIS A 139 5.58 20.58 2.32
C HIS A 139 5.38 19.77 1.05
N SER A 140 4.45 18.81 1.14
CA SER A 140 4.15 17.93 0.01
C SER A 140 3.49 18.73 -1.10
N GLU A 141 3.44 18.14 -2.29
CA GLU A 141 2.82 18.80 -3.44
C GLU A 141 1.60 18.05 -3.93
N ALA A 142 0.52 18.80 -4.13
CA ALA A 142 -0.73 18.23 -4.63
C ALA A 142 -0.84 18.38 -6.15
N PHE A 143 -0.97 17.25 -6.82
CA PHE A 143 -1.11 17.24 -8.26
C PHE A 143 -2.36 16.44 -8.58
N THR A 144 -3.33 17.08 -9.23
CA THR A 144 -4.57 16.41 -9.60
C THR A 144 -4.37 15.60 -10.87
N VAL A 145 -4.25 14.28 -10.70
CA VAL A 145 -4.04 13.38 -11.83
C VAL A 145 -5.35 12.80 -12.35
N ASN A 146 -5.42 12.67 -13.67
CA ASN A 146 -6.57 12.11 -14.35
C ASN A 146 -6.36 10.61 -14.45
N PHE A 147 -6.85 9.89 -13.44
CA PHE A 147 -6.68 8.44 -13.40
C PHE A 147 -7.46 7.67 -14.46
N GLY A 148 -8.14 8.40 -15.34
CA GLY A 148 -8.86 7.73 -16.40
C GLY A 148 -7.82 7.00 -17.23
N ASP A 149 -7.22 7.70 -18.20
CA ASP A 149 -6.20 7.11 -19.04
C ASP A 149 -4.91 6.95 -18.24
N THR A 150 -4.76 5.80 -17.61
CA THR A 150 -3.58 5.51 -16.81
C THR A 150 -2.30 5.74 -17.58
N GLU A 151 -2.40 5.73 -18.91
CA GLU A 151 -1.23 5.95 -19.76
C GLU A 151 -0.81 7.42 -19.76
N GLU A 152 -1.36 8.17 -18.79
CA GLU A 152 -1.04 9.58 -18.64
C GLU A 152 -0.68 9.81 -17.17
N ALA A 153 -1.00 8.82 -16.34
CA ALA A 153 -0.70 8.86 -14.91
C ALA A 153 0.63 8.13 -14.72
N LYS A 154 0.60 6.82 -14.95
CA LYS A 154 1.78 5.95 -14.84
C LYS A 154 2.86 6.38 -15.83
N LYS A 155 3.26 7.65 -15.73
CA LYS A 155 4.28 8.21 -16.60
C LYS A 155 4.55 9.64 -16.13
N GLN A 156 3.48 10.37 -15.82
CA GLN A 156 3.62 11.74 -15.33
C GLN A 156 4.25 11.67 -13.95
N ILE A 157 3.73 10.76 -13.13
CA ILE A 157 4.22 10.55 -11.78
C ILE A 157 5.70 10.17 -11.79
N ASN A 158 6.05 9.16 -12.59
CA ASN A 158 7.43 8.69 -12.70
C ASN A 158 8.37 9.72 -13.33
N ASP A 159 7.81 10.86 -13.74
CA ASP A 159 8.60 11.92 -14.34
C ASP A 159 8.93 12.94 -13.26
N TYR A 160 8.33 12.75 -12.08
CA TYR A 160 8.55 13.65 -10.94
C TYR A 160 9.72 13.19 -10.09
N VAL A 161 9.84 11.88 -9.88
CA VAL A 161 10.94 11.35 -9.09
C VAL A 161 12.26 11.52 -9.83
N GLU A 162 12.26 11.15 -11.10
CA GLU A 162 13.47 11.26 -11.92
C GLU A 162 13.99 12.68 -12.08
N LYS A 163 13.15 13.66 -11.82
CA LYS A 163 13.56 15.06 -11.92
C LYS A 163 14.22 15.42 -10.60
N GLY A 164 14.12 14.51 -9.64
CA GLY A 164 14.70 14.73 -8.33
C GLY A 164 15.82 13.74 -8.06
N THR A 165 15.67 12.52 -8.57
CA THR A 165 16.69 11.51 -8.40
C THR A 165 17.72 11.70 -9.51
N GLN A 166 17.74 12.91 -10.06
CA GLN A 166 18.64 13.30 -11.15
C GLN A 166 18.87 12.15 -12.14
N GLY A 167 17.79 11.50 -12.54
CA GLY A 167 17.89 10.41 -13.48
C GLY A 167 18.02 9.03 -12.89
N LYS A 168 18.20 8.95 -11.57
CA LYS A 168 18.34 7.66 -10.89
C LYS A 168 17.15 6.74 -11.10
N ILE A 169 15.95 7.32 -11.13
CA ILE A 169 14.72 6.56 -11.31
C ILE A 169 13.73 7.32 -12.20
N VAL A 170 13.76 7.01 -13.50
CA VAL A 170 12.87 7.66 -14.47
C VAL A 170 11.76 6.71 -14.88
N ASP A 171 11.34 5.85 -13.96
CA ASP A 171 10.29 4.87 -14.20
C ASP A 171 10.02 4.04 -12.94
N LEU A 172 9.50 4.69 -11.90
CA LEU A 172 9.21 4.04 -10.62
C LEU A 172 7.86 3.35 -10.62
N VAL A 173 7.17 3.37 -11.75
CA VAL A 173 5.86 2.73 -11.83
C VAL A 173 5.56 2.24 -13.25
N LYS A 174 5.07 1.01 -13.35
CA LYS A 174 4.72 0.42 -14.63
C LYS A 174 3.21 0.39 -14.78
N GLU A 175 2.57 -0.41 -13.94
CA GLU A 175 1.12 -0.55 -13.97
C GLU A 175 0.45 -0.10 -12.68
N LEU A 176 -0.73 0.49 -12.85
CA LEU A 176 -1.55 0.97 -11.75
C LEU A 176 -2.99 0.65 -12.11
N ASP A 177 -3.88 0.61 -11.12
CA ASP A 177 -5.29 0.31 -11.40
C ASP A 177 -5.96 1.52 -12.03
N ARG A 178 -6.92 1.28 -12.91
CA ARG A 178 -7.62 2.37 -13.56
C ARG A 178 -8.54 3.04 -12.55
N ASP A 179 -9.06 2.22 -11.63
CA ASP A 179 -9.97 2.70 -10.60
C ASP A 179 -9.20 3.22 -9.40
N THR A 180 -7.88 3.32 -9.55
CA THR A 180 -7.02 3.83 -8.50
C THR A 180 -7.54 5.22 -8.15
N VAL A 181 -8.17 5.33 -6.98
CA VAL A 181 -8.74 6.60 -6.55
C VAL A 181 -7.69 7.62 -6.11
N PHE A 182 -6.55 7.15 -5.62
CA PHE A 182 -5.51 8.06 -5.14
C PHE A 182 -4.12 7.43 -5.12
N ALA A 183 -3.10 8.26 -5.30
CA ALA A 183 -1.70 7.83 -5.34
C ALA A 183 -0.76 8.77 -4.58
N LEU A 184 0.02 8.22 -3.64
CA LEU A 184 0.97 8.99 -2.83
C LEU A 184 2.43 8.61 -3.09
N VAL A 185 3.28 9.58 -3.44
CA VAL A 185 4.69 9.29 -3.71
C VAL A 185 5.69 10.38 -3.28
N ASN A 186 6.90 9.93 -2.88
CA ASN A 186 7.97 10.84 -2.43
C ASN A 186 9.32 10.40 -3.01
N TYR A 187 10.26 11.34 -3.19
CA TYR A 187 11.56 11.02 -3.78
C TYR A 187 12.77 11.42 -2.91
N ILE A 188 13.89 10.71 -3.08
CA ILE A 188 15.11 10.98 -2.29
C ILE A 188 16.47 10.66 -2.95
N PHE A 189 17.19 11.72 -3.34
CA PHE A 189 18.52 11.65 -3.98
C PHE A 189 19.61 12.06 -2.98
N PHE A 190 20.81 11.51 -3.15
CA PHE A 190 21.93 11.80 -2.25
C PHE A 190 23.25 11.56 -2.95
N LYS A 191 24.19 12.48 -2.78
CA LYS A 191 25.50 12.33 -3.40
C LYS A 191 26.56 12.81 -2.40
N GLY A 192 27.19 11.88 -1.69
CA GLY A 192 28.19 12.24 -0.71
C GLY A 192 29.62 11.96 -1.13
N LYS A 193 30.57 12.64 -0.51
CA LYS A 193 31.98 12.46 -0.85
C LYS A 193 32.83 12.16 0.39
N TRP A 194 33.66 11.12 0.29
CA TRP A 194 34.53 10.75 1.39
C TRP A 194 35.48 11.91 1.57
N GLU A 195 35.47 12.56 2.73
CA GLU A 195 36.42 13.65 2.90
C GLU A 195 37.83 13.07 2.74
N ARG A 196 37.91 11.74 2.77
CA ARG A 196 39.18 11.02 2.62
C ARG A 196 38.98 9.90 1.58
N PRO A 197 38.94 10.25 0.28
CA PRO A 197 38.74 9.37 -0.87
C PRO A 197 39.78 8.25 -1.10
N PHE A 198 39.31 7.12 -1.60
CA PHE A 198 40.16 5.99 -1.93
C PHE A 198 40.88 6.35 -3.23
N GLU A 199 42.07 5.80 -3.44
CA GLU A 199 42.84 6.10 -4.64
C GLU A 199 42.36 5.28 -5.81
N VAL A 200 41.98 5.96 -6.88
CA VAL A 200 41.48 5.35 -8.11
C VAL A 200 42.48 4.35 -8.66
N LYS A 201 43.75 4.56 -8.34
CA LYS A 201 44.80 3.66 -8.81
C LYS A 201 44.97 2.46 -7.86
N ASP A 202 45.10 2.78 -6.56
CA ASP A 202 45.26 1.72 -5.57
C ASP A 202 44.18 0.65 -5.72
N THR A 203 43.02 1.07 -6.26
CA THR A 203 41.93 0.13 -6.45
C THR A 203 42.31 -0.99 -7.43
N GLU A 204 42.58 -2.18 -6.85
CA GLU A 204 42.97 -3.31 -7.68
C GLU A 204 41.80 -4.28 -7.88
N GLU A 205 41.94 -5.11 -8.94
CA GLU A 205 40.90 -6.08 -9.24
C GLU A 205 41.04 -7.34 -8.37
N GLU A 206 40.09 -7.48 -7.43
CA GLU A 206 40.14 -8.64 -6.54
C GLU A 206 38.90 -9.51 -6.69
N ASP A 207 38.94 -10.69 -6.03
CA ASP A 207 37.82 -11.61 -6.09
C ASP A 207 36.93 -11.50 -4.85
N PHE A 208 35.63 -11.25 -5.11
CA PHE A 208 34.70 -11.11 -4.00
C PHE A 208 34.27 -12.47 -3.45
N HIS A 209 34.77 -12.78 -2.24
CA HIS A 209 34.41 -14.06 -1.63
C HIS A 209 32.90 -14.18 -1.41
N VAL A 210 32.18 -14.37 -2.52
CA VAL A 210 30.72 -14.49 -2.43
C VAL A 210 30.31 -15.50 -1.37
N ASP A 211 30.09 -16.75 -1.82
CA ASP A 211 29.67 -17.79 -0.88
C ASP A 211 30.69 -18.92 -0.81
N GLN A 212 30.30 -20.00 -0.09
CA GLN A 212 31.20 -21.14 0.04
C GLN A 212 31.35 -21.90 -1.27
N VAL A 213 31.70 -21.16 -2.33
CA VAL A 213 31.87 -21.78 -3.63
C VAL A 213 31.94 -20.74 -4.75
N THR A 214 30.93 -19.85 -4.76
CA THR A 214 30.87 -18.83 -5.82
C THR A 214 31.86 -17.70 -5.55
N THR A 215 32.20 -16.97 -6.63
CA THR A 215 33.12 -15.86 -6.50
C THR A 215 33.11 -14.97 -7.75
N VAL A 216 32.95 -13.66 -7.51
CA VAL A 216 32.89 -12.71 -8.62
C VAL A 216 34.05 -11.70 -8.56
N LYS A 217 34.28 -11.05 -9.72
CA LYS A 217 35.33 -10.05 -9.78
C LYS A 217 34.76 -8.63 -9.67
N VAL A 218 35.32 -7.86 -8.71
CA VAL A 218 34.85 -6.50 -8.53
C VAL A 218 36.00 -5.54 -8.21
N PRO A 219 35.94 -4.36 -8.86
CA PRO A 219 36.93 -3.31 -8.65
C PRO A 219 37.10 -2.92 -7.17
N MET A 220 37.87 -3.73 -6.46
CA MET A 220 38.14 -3.56 -5.04
C MET A 220 38.97 -2.30 -4.76
N MET A 221 38.47 -1.42 -3.90
CA MET A 221 39.18 -0.18 -3.52
C MET A 221 40.13 -0.45 -2.35
N LYS A 222 41.21 0.31 -2.28
CA LYS A 222 42.18 0.12 -1.21
C LYS A 222 42.71 1.44 -0.62
N ARG A 223 43.07 1.40 0.67
CA ARG A 223 43.60 2.56 1.38
C ARG A 223 44.11 2.12 2.72
N LEU A 224 45.22 2.71 3.15
CA LEU A 224 45.84 2.41 4.43
C LEU A 224 45.86 3.67 5.27
N GLY A 225 46.05 3.53 6.58
CA GLY A 225 46.08 4.71 7.43
C GLY A 225 45.01 4.63 8.49
N MET A 226 44.86 5.68 9.28
CA MET A 226 43.87 5.76 10.36
C MET A 226 42.40 5.69 9.92
N PHE A 227 41.58 5.01 10.72
CA PHE A 227 40.16 4.89 10.42
C PHE A 227 39.39 4.85 11.71
N ASN A 228 38.06 4.97 11.66
CA ASN A 228 37.27 4.92 12.89
C ASN A 228 36.82 3.47 13.07
N ILE A 229 37.37 2.57 12.25
CA ILE A 229 37.05 1.15 12.32
C ILE A 229 37.17 0.68 13.76
N GLN A 230 36.35 -0.30 14.12
CA GLN A 230 36.28 -0.83 15.47
C GLN A 230 35.77 -2.28 15.48
N HIS A 231 35.90 -2.93 16.65
CA HIS A 231 35.41 -4.30 16.76
C HIS A 231 34.88 -4.60 18.16
N SER A 232 33.54 -4.69 18.25
CA SER A 232 32.90 -5.02 19.52
C SER A 232 32.32 -6.44 19.51
N LYS A 233 32.09 -6.96 20.72
CA LYS A 233 31.55 -8.31 20.84
C LYS A 233 30.06 -8.34 20.49
N LYS A 234 29.26 -7.64 21.30
CA LYS A 234 27.82 -7.61 21.08
C LYS A 234 27.49 -7.85 19.61
N LEU A 235 27.68 -6.78 18.80
CA LEU A 235 27.37 -6.88 17.38
C LEU A 235 28.30 -7.85 16.65
N SER A 236 29.47 -8.11 17.28
CA SER A 236 30.42 -9.01 16.67
C SER A 236 30.66 -8.68 15.19
N SER A 237 31.60 -7.75 14.96
CA SER A 237 31.90 -7.36 13.59
C SER A 237 32.77 -6.10 13.52
N TRP A 238 33.33 -5.87 12.31
CA TRP A 238 34.20 -4.70 12.13
C TRP A 238 33.38 -3.45 11.79
N VAL A 239 33.29 -2.45 12.67
CA VAL A 239 32.46 -1.28 12.40
C VAL A 239 33.25 -0.12 11.80
N LEU A 240 33.08 0.11 10.52
CA LEU A 240 33.79 1.20 9.91
C LEU A 240 32.84 2.37 9.70
N LEU A 241 33.15 3.51 10.31
CA LEU A 241 32.34 4.72 10.16
C LEU A 241 33.06 5.76 9.30
N MET A 242 33.21 5.52 8.00
CA MET A 242 33.85 6.49 7.13
C MET A 242 32.85 7.66 6.96
N LYS A 243 33.34 8.86 6.67
CA LYS A 243 32.45 10.02 6.54
C LYS A 243 32.29 10.68 5.17
N TYR A 244 31.61 11.84 5.19
CA TYR A 244 31.35 12.63 4.01
C TYR A 244 31.49 14.15 4.28
N LEU A 245 31.70 14.90 3.21
CA LEU A 245 31.80 16.35 3.31
C LEU A 245 30.36 16.82 3.34
N GLY A 246 29.90 17.30 4.50
CA GLY A 246 28.53 17.75 4.62
C GLY A 246 27.86 17.15 5.86
N ASN A 247 28.66 16.52 6.72
CA ASN A 247 28.20 15.90 7.96
C ASN A 247 27.27 14.70 7.70
N ALA A 248 27.89 13.62 7.24
CA ALA A 248 27.20 12.38 6.90
C ALA A 248 28.12 11.25 7.33
N THR A 249 27.61 10.04 7.46
CA THR A 249 28.47 8.93 7.85
C THR A 249 27.92 7.60 7.36
N ALA A 250 28.70 6.89 6.56
CA ALA A 250 28.27 5.58 6.10
C ALA A 250 28.88 4.61 7.11
N ILE A 251 28.05 3.81 7.76
CA ILE A 251 28.56 2.86 8.73
C ILE A 251 28.44 1.46 8.17
N PHE A 252 29.59 0.81 8.00
CA PHE A 252 29.66 -0.55 7.48
C PHE A 252 29.88 -1.54 8.62
N PHE A 253 29.38 -2.75 8.46
CA PHE A 253 29.54 -3.78 9.48
C PHE A 253 30.07 -5.09 8.88
N LEU A 254 31.15 -5.59 9.51
CA LEU A 254 31.75 -6.83 9.01
C LEU A 254 31.58 -7.98 10.01
N PRO A 255 30.56 -8.82 9.76
CA PRO A 255 30.29 -9.97 10.60
C PRO A 255 31.51 -10.88 10.74
N ASP A 256 31.40 -11.83 11.69
CA ASP A 256 32.51 -12.74 11.91
C ASP A 256 32.41 -13.98 11.01
N GLU A 257 33.57 -14.61 10.79
CA GLU A 257 33.59 -15.80 9.93
C GLU A 257 32.41 -16.73 10.23
N GLY A 258 31.25 -16.41 9.63
CA GLY A 258 30.07 -17.23 9.85
C GLY A 258 29.10 -16.57 10.82
N LYS A 259 29.68 -15.80 11.77
CA LYS A 259 28.85 -15.12 12.76
C LYS A 259 28.11 -13.94 12.15
N LEU A 260 27.47 -14.20 10.98
CA LEU A 260 26.73 -13.14 10.32
C LEU A 260 25.35 -12.93 10.96
N GLN A 261 24.51 -13.98 10.84
CA GLN A 261 23.17 -13.91 11.42
C GLN A 261 23.17 -13.10 12.72
N HIS A 262 24.33 -13.12 13.39
CA HIS A 262 24.44 -12.38 14.65
C HIS A 262 24.19 -10.88 14.45
N LEU A 263 24.93 -10.32 13.48
CA LEU A 263 24.77 -8.90 13.19
C LEU A 263 23.31 -8.54 12.89
N GLU A 264 22.71 -9.21 11.89
CA GLU A 264 21.36 -8.87 11.51
C GLU A 264 20.41 -8.80 12.72
N ASN A 265 20.54 -9.82 13.59
CA ASN A 265 19.66 -9.88 14.75
C ASN A 265 20.30 -9.24 15.99
N GLU A 266 21.31 -8.40 15.73
CA GLU A 266 21.98 -7.74 16.84
C GLU A 266 22.12 -6.23 16.60
N LEU A 267 21.44 -5.75 15.55
CA LEU A 267 21.50 -4.33 15.22
C LEU A 267 20.39 -3.54 15.94
N THR A 268 20.83 -2.49 16.65
CA THR A 268 19.87 -1.66 17.37
C THR A 268 20.31 -0.20 17.44
N HIS A 269 19.37 0.67 17.84
CA HIS A 269 19.69 2.09 17.93
C HIS A 269 20.54 2.41 19.15
N ASP A 270 20.32 1.62 20.22
CA ASP A 270 21.06 1.86 21.45
C ASP A 270 22.57 1.68 21.25
N ILE A 271 22.93 0.66 20.45
CA ILE A 271 24.34 0.41 20.20
C ILE A 271 24.93 1.42 19.22
N ILE A 272 24.30 1.61 18.05
CA ILE A 272 24.84 2.50 17.02
C ILE A 272 25.16 3.90 17.55
N THR A 273 24.16 4.56 18.12
CA THR A 273 24.33 5.90 18.66
C THR A 273 25.60 6.01 19.51
N LYS A 274 26.09 4.88 20.00
CA LYS A 274 27.31 4.88 20.79
C LYS A 274 28.45 5.01 19.79
N PHE A 275 28.31 4.32 18.67
CA PHE A 275 29.31 4.32 17.61
C PHE A 275 29.42 5.66 16.92
N LEU A 276 28.28 6.27 16.61
CA LEU A 276 28.27 7.58 15.95
C LEU A 276 28.82 8.64 16.91
N GLU A 277 29.44 8.18 18.00
CA GLU A 277 30.03 9.03 19.02
C GLU A 277 31.39 8.47 19.48
N ASN A 278 31.99 7.61 18.67
CA ASN A 278 33.29 7.00 18.99
C ASN A 278 33.79 7.77 17.77
N GLU A 279 34.90 8.50 17.94
CA GLU A 279 35.51 9.27 16.86
C GLU A 279 36.94 8.72 16.90
N ASP A 280 37.35 8.18 18.04
CA ASP A 280 38.70 7.64 18.20
C ASP A 280 39.11 6.74 17.03
N ARG A 281 40.32 6.93 16.54
CA ARG A 281 40.81 6.15 15.41
C ARG A 281 42.03 5.26 15.68
N ARG A 282 42.33 4.41 14.71
CA ARG A 282 43.45 3.48 14.76
C ARG A 282 43.89 3.12 13.34
N SER A 283 45.06 3.63 12.94
CA SER A 283 45.59 3.37 11.61
C SER A 283 45.43 1.90 11.25
N ALA A 284 44.99 1.64 10.01
CA ALA A 284 44.78 0.28 9.54
C ALA A 284 44.62 0.20 8.03
N SER A 285 44.41 -1.02 7.54
CA SER A 285 44.25 -1.29 6.11
C SER A 285 42.81 -1.65 5.78
N LEU A 286 42.31 -1.12 4.66
CA LEU A 286 40.93 -1.40 4.25
C LEU A 286 40.75 -1.58 2.74
N HIS A 287 39.87 -2.51 2.38
CA HIS A 287 39.56 -2.80 0.99
C HIS A 287 38.04 -2.77 0.84
N LEU A 288 37.53 -1.82 0.06
CA LEU A 288 36.13 -1.63 -0.31
C LEU A 288 35.96 -1.70 -1.83
N PRO A 289 35.16 -2.69 -2.27
CA PRO A 289 34.87 -2.88 -3.68
C PRO A 289 33.78 -1.91 -4.17
N LYS A 290 33.91 -1.51 -5.45
CA LYS A 290 32.91 -0.63 -6.02
C LYS A 290 31.56 -1.33 -6.12
N LEU A 291 30.50 -0.58 -5.76
CA LEU A 291 29.17 -1.17 -5.77
C LEU A 291 28.21 -0.42 -6.71
N SER A 292 26.99 -0.96 -6.80
CA SER A 292 25.99 -0.35 -7.67
C SER A 292 24.75 -1.25 -7.81
N ILE A 293 24.14 -1.56 -6.66
CA ILE A 293 23.00 -2.46 -6.66
C ILE A 293 21.66 -1.72 -6.74
N THR A 294 20.59 -2.50 -6.92
CA THR A 294 19.26 -1.90 -7.00
C THR A 294 18.22 -2.67 -6.18
N GLY A 295 17.22 -1.95 -5.64
CA GLY A 295 16.27 -2.62 -4.76
C GLY A 295 14.82 -2.21 -5.05
N THR A 296 14.00 -3.22 -5.36
CA THR A 296 12.59 -2.96 -5.60
C THR A 296 11.70 -4.06 -5.00
N TYR A 297 10.54 -3.64 -4.47
CA TYR A 297 9.64 -4.61 -3.86
C TYR A 297 8.25 -4.00 -3.57
N ASP A 298 7.39 -4.86 -3.03
CA ASP A 298 6.04 -4.41 -2.69
C ASP A 298 5.72 -4.63 -1.21
N LEU A 299 5.61 -3.50 -0.48
CA LEU A 299 5.28 -3.59 0.94
C LEU A 299 4.03 -4.45 1.17
N LYS A 300 3.13 -4.43 0.17
CA LYS A 300 1.90 -5.19 0.28
C LYS A 300 1.98 -6.21 1.43
N SER A 301 2.97 -7.11 1.30
CA SER A 301 3.15 -8.12 2.34
C SER A 301 3.98 -7.59 3.51
N VAL A 302 5.31 -7.57 3.30
CA VAL A 302 6.20 -7.14 4.38
C VAL A 302 5.49 -6.22 5.37
N LEU A 303 5.10 -5.03 4.87
CA LEU A 303 4.41 -4.08 5.72
C LEU A 303 3.37 -4.77 6.61
N GLY A 304 2.53 -5.59 5.96
CA GLY A 304 1.53 -6.34 6.72
C GLY A 304 2.19 -7.15 7.84
N GLN A 305 3.06 -8.10 7.43
CA GLN A 305 3.77 -8.90 8.42
C GLN A 305 4.40 -8.02 9.51
N LEU A 306 4.49 -6.72 9.20
CA LEU A 306 5.05 -5.79 10.17
C LEU A 306 3.97 -5.10 10.99
N GLY A 307 2.71 -5.50 10.70
CA GLY A 307 1.58 -4.94 11.45
C GLY A 307 0.86 -3.84 10.65
N ILE A 308 0.80 -4.05 9.32
CA ILE A 308 0.14 -3.07 8.47
C ILE A 308 -0.61 -3.73 7.31
N THR A 309 -1.68 -4.40 7.68
CA THR A 309 -2.61 -5.02 6.75
C THR A 309 -3.92 -4.28 6.97
N LYS A 310 -3.98 -3.59 8.10
CA LYS A 310 -5.15 -2.81 8.49
C LYS A 310 -5.52 -1.83 7.39
N VAL A 311 -4.52 -1.09 6.91
CA VAL A 311 -4.72 -0.12 5.84
C VAL A 311 -4.98 -0.90 4.55
N PHE A 312 -4.45 -2.11 4.49
CA PHE A 312 -4.60 -2.98 3.34
C PHE A 312 -5.78 -3.97 3.49
N SER A 313 -6.75 -3.65 4.36
CA SER A 313 -7.90 -4.54 4.58
C SER A 313 -9.27 -3.87 4.46
N ASN A 314 -10.32 -4.61 4.81
CA ASN A 314 -11.70 -4.10 4.73
C ASN A 314 -12.10 -3.17 5.86
N GLY A 315 -11.16 -2.33 6.28
CA GLY A 315 -11.41 -1.37 7.34
C GLY A 315 -10.62 -0.09 7.05
N ALA A 316 -10.45 0.19 5.77
CA ALA A 316 -9.70 1.35 5.27
C ALA A 316 -10.22 2.71 5.75
N ASP A 317 -9.95 3.03 7.02
CA ASP A 317 -10.37 4.30 7.59
C ASP A 317 -9.48 5.41 7.03
N LEU A 318 -9.90 5.97 5.89
CA LEU A 318 -9.17 7.03 5.22
C LEU A 318 -9.99 8.31 5.28
N SER A 319 -10.73 8.45 6.37
CA SER A 319 -11.56 9.62 6.59
C SER A 319 -10.77 10.87 6.23
N GLY A 320 -9.77 11.19 7.05
CA GLY A 320 -8.93 12.37 6.82
C GLY A 320 -8.60 12.61 5.36
N VAL A 321 -8.16 11.57 4.66
CA VAL A 321 -7.82 11.71 3.24
C VAL A 321 -9.00 12.34 2.50
N THR A 322 -10.06 11.56 2.29
CA THR A 322 -11.26 12.03 1.60
C THR A 322 -12.53 11.72 2.38
N GLU A 323 -13.60 12.41 2.00
CA GLU A 323 -14.90 12.21 2.63
C GLU A 323 -15.90 11.72 1.59
N GLU A 324 -15.54 11.83 0.31
CA GLU A 324 -16.42 11.40 -0.77
C GLU A 324 -16.86 9.94 -0.60
N ALA A 325 -15.96 9.03 -0.98
CA ALA A 325 -16.24 7.61 -0.87
C ALA A 325 -15.01 6.92 -0.35
N PRO A 326 -15.18 5.73 0.24
CA PRO A 326 -14.06 4.95 0.79
C PRO A 326 -13.09 4.43 -0.26
N LEU A 327 -11.82 4.82 -0.10
CA LEU A 327 -10.74 4.41 -0.99
C LEU A 327 -9.87 3.46 -0.17
N LYS A 328 -8.91 2.79 -0.80
CA LYS A 328 -8.12 1.84 -0.04
C LYS A 328 -6.64 1.69 -0.36
N LEU A 329 -5.92 1.06 0.56
CA LEU A 329 -4.49 0.80 0.40
C LEU A 329 -4.33 -0.38 -0.55
N SER A 330 -3.95 -0.08 -1.79
CA SER A 330 -3.79 -1.11 -2.81
C SER A 330 -2.42 -1.83 -2.75
N LYS A 331 -1.34 -1.05 -2.79
CA LYS A 331 0.00 -1.59 -2.76
C LYS A 331 1.08 -0.60 -2.30
N ALA A 332 2.23 -1.14 -1.93
CA ALA A 332 3.40 -0.36 -1.48
C ALA A 332 4.51 -0.57 -2.50
N VAL A 333 4.97 0.50 -3.14
CA VAL A 333 6.05 0.35 -4.13
C VAL A 333 7.29 1.17 -3.79
N HIS A 334 8.28 0.51 -3.19
CA HIS A 334 9.54 1.14 -2.79
C HIS A 334 10.71 0.85 -3.72
N LYS A 335 11.67 1.77 -3.76
CA LYS A 335 12.84 1.60 -4.60
C LYS A 335 14.04 2.37 -4.03
N ALA A 336 15.24 1.88 -4.31
CA ALA A 336 16.45 2.52 -3.82
C ALA A 336 17.68 2.11 -4.62
N VAL A 337 18.55 3.07 -4.91
CA VAL A 337 19.76 2.81 -5.65
C VAL A 337 21.02 3.30 -4.90
N LEU A 338 22.00 2.41 -4.76
CA LEU A 338 23.23 2.65 -4.03
C LEU A 338 24.47 2.51 -4.92
N THR A 339 25.44 3.41 -4.70
CA THR A 339 26.67 3.36 -5.49
C THR A 339 27.89 3.71 -4.63
N ILE A 340 28.91 2.82 -4.72
CA ILE A 340 30.11 3.04 -3.93
C ILE A 340 31.37 2.98 -4.78
N ASP A 341 32.22 4.01 -4.62
CA ASP A 341 33.48 4.04 -5.35
C ASP A 341 34.57 4.77 -4.57
N GLU A 342 35.76 4.85 -5.19
CA GLU A 342 36.88 5.52 -4.52
C GLU A 342 36.57 7.00 -4.28
N LYS A 343 35.58 7.51 -5.03
CA LYS A 343 35.21 8.91 -4.89
C LYS A 343 34.25 9.12 -3.72
N GLY A 344 33.22 8.27 -3.67
CA GLY A 344 32.24 8.37 -2.59
C GLY A 344 30.94 7.63 -2.94
N THR A 345 29.83 8.08 -2.31
CA THR A 345 28.55 7.44 -2.57
C THR A 345 27.54 8.42 -3.16
N GLU A 346 26.63 7.87 -3.98
CA GLU A 346 25.61 8.71 -4.60
C GLU A 346 24.28 7.97 -4.77
N ALA A 347 23.68 7.62 -3.64
CA ALA A 347 22.49 6.80 -3.62
C ALA A 347 21.21 7.55 -3.98
N ALA A 348 20.08 6.87 -3.88
CA ALA A 348 18.78 7.45 -4.19
C ALA A 348 17.67 6.43 -3.98
N GLY A 349 16.42 6.89 -3.96
CA GLY A 349 15.31 5.98 -3.76
C GLY A 349 13.95 6.65 -3.65
N ALA A 350 12.89 5.86 -3.58
CA ALA A 350 11.55 6.42 -3.49
C ALA A 350 10.51 5.41 -3.00
N MET A 351 9.25 5.88 -2.94
CA MET A 351 8.12 5.07 -2.50
C MET A 351 6.83 5.53 -3.18
N PHE A 352 5.98 4.57 -3.57
CA PHE A 352 4.69 4.82 -4.23
C PHE A 352 3.52 4.13 -3.53
N LEU A 353 2.41 4.86 -3.37
CA LEU A 353 1.21 4.35 -2.70
C LEU A 353 -0.02 4.48 -3.58
N GLU A 354 -0.87 3.44 -3.61
CA GLU A 354 -2.09 3.47 -4.42
C GLU A 354 -3.36 3.24 -3.60
N ALA A 355 -4.35 4.10 -3.81
CA ALA A 355 -5.62 3.99 -3.09
C ALA A 355 -6.84 3.89 -4.01
N ILE A 356 -7.58 2.80 -3.87
CA ILE A 356 -8.77 2.52 -4.67
C ILE A 356 -9.96 2.13 -3.78
N PRO A 357 -11.21 2.42 -4.23
CA PRO A 357 -12.53 2.18 -3.60
C PRO A 357 -12.79 0.87 -2.82
N MET A 358 -13.98 0.75 -2.21
CA MET A 358 -14.36 -0.43 -1.45
C MET A 358 -15.61 -1.06 -2.06
N PRO B 4 46.22 -4.40 12.13
CA PRO B 4 44.81 -4.12 11.86
C PRO B 4 44.50 -4.25 10.38
N GLU B 5 44.62 -5.47 9.87
CA GLU B 5 44.35 -5.78 8.48
C GLU B 5 42.87 -6.15 8.36
N VAL B 6 42.07 -5.21 7.84
CA VAL B 6 40.63 -5.40 7.68
C VAL B 6 40.22 -5.21 6.21
N LYS B 7 39.41 -6.13 5.70
CA LYS B 7 38.96 -6.05 4.32
C LYS B 7 37.48 -6.45 4.17
N PHE B 8 36.78 -5.82 3.24
CA PHE B 8 35.36 -6.12 3.01
C PHE B 8 35.16 -6.87 1.69
N ASN B 9 35.42 -8.18 1.67
CA ASN B 9 35.26 -8.97 0.44
C ASN B 9 34.31 -10.16 0.62
N LYS B 10 33.11 -9.88 1.13
CA LYS B 10 32.10 -10.89 1.37
C LYS B 10 30.80 -10.17 1.75
N PRO B 11 29.72 -10.92 2.02
CA PRO B 11 28.46 -10.25 2.39
C PRO B 11 28.53 -9.52 3.74
N PHE B 12 27.81 -8.39 3.83
CA PHE B 12 27.79 -7.60 5.07
C PHE B 12 26.71 -6.52 5.04
N VAL B 13 26.66 -5.69 6.10
CA VAL B 13 25.65 -4.63 6.18
C VAL B 13 26.20 -3.21 6.38
N PHE B 14 25.80 -2.30 5.49
CA PHE B 14 26.20 -0.90 5.52
C PHE B 14 25.02 -0.10 6.02
N LEU B 15 25.14 1.22 6.04
CA LEU B 15 24.06 2.08 6.55
C LEU B 15 24.41 3.58 6.50
N ILE B 16 23.87 4.32 5.54
CA ILE B 16 24.14 5.77 5.42
C ILE B 16 23.38 6.56 6.51
N ILE B 17 23.95 7.67 6.95
CA ILE B 17 23.33 8.46 8.03
C ILE B 17 23.53 9.98 7.99
N GLU B 18 22.48 10.71 8.33
CA GLU B 18 22.52 12.16 8.38
C GLU B 18 23.15 12.50 9.73
N GLN B 19 24.09 13.44 9.76
CA GLN B 19 24.74 13.80 11.02
C GLN B 19 23.87 14.72 11.86
N ASN B 20 23.43 15.82 11.27
CA ASN B 20 22.58 16.79 11.95
C ASN B 20 21.41 16.09 12.61
N THR B 21 20.56 15.51 11.76
CA THR B 21 19.39 14.71 12.19
C THR B 21 19.95 13.30 12.05
N LYS B 22 20.19 12.60 13.16
CA LYS B 22 20.77 11.26 13.06
C LYS B 22 19.91 10.31 12.22
N ALA B 23 19.40 10.82 11.12
CA ALA B 23 18.55 10.07 10.22
C ALA B 23 19.19 8.87 9.54
N PRO B 24 18.38 7.84 9.25
CA PRO B 24 18.80 6.61 8.60
C PRO B 24 18.41 6.70 7.12
N LEU B 25 19.15 7.51 6.35
CA LEU B 25 18.88 7.69 4.94
C LEU B 25 18.65 6.38 4.16
N PHE B 26 19.68 5.56 4.06
CA PHE B 26 19.53 4.30 3.37
C PHE B 26 20.00 3.19 4.29
N MET B 27 19.93 1.95 3.82
CA MET B 27 20.34 0.79 4.63
C MET B 27 20.18 -0.51 3.85
N GLY B 28 21.06 -1.40 3.86
CA GLY B 28 21.15 -2.54 2.95
C GLY B 28 22.37 -3.41 3.25
N ARG B 29 22.33 -4.65 2.71
CA ARG B 29 23.45 -5.56 2.93
C ARG B 29 23.93 -6.19 1.62
N VAL B 30 25.23 -5.99 1.34
CA VAL B 30 25.78 -6.53 0.10
C VAL B 30 26.31 -7.96 0.28
N VAL B 31 25.73 -8.88 -0.50
CA VAL B 31 26.12 -10.29 -0.38
C VAL B 31 26.96 -10.74 -1.57
N ASN B 32 26.31 -10.81 -2.74
CA ASN B 32 27.01 -11.27 -3.93
C ASN B 32 26.85 -10.27 -5.09
N PRO B 33 27.73 -9.26 -5.09
CA PRO B 33 27.72 -8.23 -6.12
C PRO B 33 27.68 -8.84 -7.52
N THR C 5 -20.58 2.50 -19.39
CA THR C 5 -21.40 3.70 -19.63
C THR C 5 -22.34 3.97 -18.46
N GLU C 6 -23.25 4.93 -18.68
CA GLU C 6 -24.19 5.28 -17.62
C GLU C 6 -25.57 4.63 -17.85
N ALA C 7 -26.23 4.29 -16.73
CA ALA C 7 -27.54 3.66 -16.85
C ALA C 7 -28.66 4.70 -16.82
N GLN C 8 -29.75 4.39 -17.55
CA GLN C 8 -30.88 5.31 -17.60
C GLN C 8 -31.33 5.72 -16.20
N ARG C 9 -31.63 7.02 -16.05
CA ARG C 9 -32.09 7.51 -14.76
C ARG C 9 -32.61 6.38 -13.87
N ASN C 10 -33.87 6.01 -14.13
CA ASN C 10 -34.49 4.92 -13.36
C ASN C 10 -34.48 3.61 -14.14
N SER C 11 -33.28 3.03 -14.27
CA SER C 11 -33.16 1.77 -15.00
C SER C 11 -33.39 0.56 -14.09
N TRP C 12 -32.82 0.64 -12.87
CA TRP C 12 -32.99 -0.45 -11.91
C TRP C 12 -33.73 0.03 -10.65
N PRO C 13 -35.07 -0.07 -10.72
CA PRO C 13 -35.92 0.39 -9.62
C PRO C 13 -35.70 -0.44 -8.35
N SER C 14 -34.78 -1.39 -8.31
CA SER C 14 -34.51 -2.16 -7.10
C SER C 14 -33.06 -2.03 -6.67
N GLN C 15 -32.32 -1.12 -7.32
CA GLN C 15 -30.92 -0.89 -7.01
C GLN C 15 -30.82 -0.12 -5.70
N ILE C 16 -29.75 -0.37 -4.95
CA ILE C 16 -29.59 0.27 -3.65
C ILE C 16 -28.19 0.78 -3.38
N SER C 17 -28.11 1.81 -2.53
CA SER C 17 -26.84 2.42 -2.17
C SER C 17 -26.66 2.41 -0.65
N LEU C 18 -26.03 1.37 -0.13
CA LEU C 18 -25.60 1.39 1.26
C LEU C 18 -24.52 2.44 1.49
N GLN C 19 -24.87 3.44 2.33
CA GLN C 19 -23.91 4.51 2.60
C GLN C 19 -23.46 4.51 4.07
N TYR C 20 -22.22 4.98 4.27
CA TYR C 20 -21.70 5.10 5.63
C TYR C 20 -21.59 6.56 6.05
N ARG C 21 -21.85 6.81 7.34
CA ARG C 21 -21.81 8.18 7.84
C ARG C 21 -20.39 8.62 8.19
N SER C 22 -19.98 9.76 7.57
CA SER C 22 -18.62 10.24 7.80
C SER C 22 -18.58 11.77 7.85
N GLY C 23 -18.59 12.30 9.09
CA GLY C 23 -18.53 13.75 9.26
C GLY C 23 -19.91 14.35 9.42
N SER C 24 -20.53 14.70 8.26
CA SER C 24 -21.86 15.29 8.30
C SER C 24 -22.74 14.78 7.15
N SER C 25 -22.17 13.82 6.39
CA SER C 25 -22.92 13.26 5.27
C SER C 25 -22.82 11.73 5.22
N TRP C 26 -23.16 11.17 4.05
CA TRP C 26 -23.09 9.73 3.89
C TRP C 26 -22.20 9.34 2.70
N ALA C 27 -21.35 8.33 2.94
CA ALA C 27 -20.46 7.89 1.87
C ALA C 27 -20.92 6.56 1.27
N HIS C 28 -21.00 6.53 -0.08
CA HIS C 28 -21.41 5.31 -0.75
C HIS C 28 -20.43 4.16 -0.49
N THR C 29 -20.95 2.93 -0.55
CA THR C 29 -20.12 1.78 -0.26
C THR C 29 -20.39 0.61 -1.22
N CYS C 30 -21.44 -0.17 -0.89
CA CYS C 30 -21.78 -1.31 -1.73
C CYS C 30 -23.10 -1.10 -2.47
N GLY C 31 -23.32 -1.93 -3.50
CA GLY C 31 -24.57 -1.84 -4.25
C GLY C 31 -25.74 -2.40 -3.44
N GLY C 32 -26.21 -3.59 -3.88
CA GLY C 32 -27.30 -4.24 -3.17
C GLY C 32 -28.65 -4.01 -3.85
N THR C 33 -29.35 -5.12 -3.98
CA THR C 33 -30.66 -5.15 -4.59
C THR C 33 -31.68 -5.05 -3.47
N LEU C 34 -32.92 -4.78 -3.86
CA LEU C 34 -34.04 -4.65 -2.94
C LEU C 34 -34.74 -6.01 -2.99
N ILE C 35 -35.30 -6.47 -1.88
CA ILE C 35 -35.99 -7.75 -1.93
C ILE C 35 -37.39 -7.69 -1.36
N ARG C 36 -37.68 -6.63 -0.61
CA ARG C 36 -38.98 -6.45 0.00
C ARG C 36 -38.97 -5.08 0.63
N GLN C 37 -40.15 -4.50 0.77
CA GLN C 37 -40.28 -3.17 1.34
C GLN C 37 -39.44 -2.88 2.58
N ASN C 38 -38.81 -3.89 3.16
CA ASN C 38 -37.99 -3.65 4.35
C ASN C 38 -36.70 -4.49 4.46
N TRP C 39 -36.23 -5.00 3.32
CA TRP C 39 -35.00 -5.77 3.32
C TRP C 39 -34.25 -5.52 2.04
N VAL C 40 -32.97 -5.23 2.19
CA VAL C 40 -32.06 -4.97 1.07
C VAL C 40 -31.00 -6.04 1.17
N MET C 41 -30.56 -6.53 0.03
CA MET C 41 -29.56 -7.57 0.01
C MET C 41 -28.27 -7.01 -0.48
N THR C 42 -27.17 -7.34 0.18
CA THR C 42 -25.87 -6.83 -0.23
C THR C 42 -24.82 -7.88 0.01
N ALA C 43 -23.57 -7.45 -0.02
CA ALA C 43 -22.49 -8.37 0.22
C ALA C 43 -22.32 -8.37 1.74
N ALA C 44 -21.74 -9.44 2.29
CA ALA C 44 -21.56 -9.51 3.73
C ALA C 44 -20.37 -8.65 4.10
N HIS C 45 -19.32 -8.70 3.29
CA HIS C 45 -18.12 -7.92 3.60
C HIS C 45 -18.37 -6.43 3.58
N CYS C 46 -19.60 -6.04 3.27
CA CYS C 46 -20.00 -4.64 3.17
C CYS C 46 -20.39 -4.09 4.53
N VAL C 47 -21.25 -4.79 5.23
CA VAL C 47 -21.64 -4.36 6.55
C VAL C 47 -20.59 -4.95 7.46
N ASP C 48 -19.35 -4.89 6.98
CA ASP C 48 -18.20 -5.41 7.69
C ASP C 48 -17.88 -4.68 9.00
N ARG C 49 -17.43 -3.42 8.91
CA ARG C 49 -17.09 -2.69 10.13
C ARG C 49 -18.31 -2.14 10.82
N GLU C 50 -18.14 -1.72 12.08
CA GLU C 50 -19.25 -1.23 12.88
C GLU C 50 -19.83 0.11 12.52
N LEU C 51 -19.70 0.54 11.27
CA LEU C 51 -20.26 1.83 10.88
C LEU C 51 -21.76 1.81 11.11
N THR C 52 -22.39 2.97 10.96
CA THR C 52 -23.83 3.10 11.07
C THR C 52 -24.27 3.45 9.64
N PHE C 53 -25.09 2.60 9.05
CA PHE C 53 -25.52 2.82 7.69
C PHE C 53 -26.96 3.23 7.49
N ARG C 54 -27.27 3.49 6.22
CA ARG C 54 -28.60 3.88 5.75
C ARG C 54 -28.63 3.46 4.28
N VAL C 55 -29.81 3.21 3.75
CA VAL C 55 -29.90 2.85 2.35
C VAL C 55 -30.80 3.83 1.58
N VAL C 56 -30.43 4.07 0.31
CA VAL C 56 -31.23 4.97 -0.51
C VAL C 56 -31.83 4.25 -1.72
N VAL C 57 -33.15 4.38 -1.86
CA VAL C 57 -33.82 3.76 -3.00
C VAL C 57 -34.04 4.74 -4.15
N GLY C 58 -34.13 4.18 -5.37
CA GLY C 58 -34.34 5.03 -6.54
C GLY C 58 -33.31 6.15 -6.60
N GLU C 59 -32.03 5.76 -6.73
CA GLU C 59 -30.96 6.75 -6.79
C GLU C 59 -30.10 6.58 -8.03
N HIS C 60 -29.54 7.71 -8.50
CA HIS C 60 -28.66 7.66 -9.66
C HIS C 60 -27.32 8.34 -9.37
N ASN C 61 -27.40 9.50 -8.70
CA ASN C 61 -26.19 10.23 -8.35
C ASN C 61 -26.09 10.46 -6.84
N LEU C 62 -25.11 9.78 -6.22
CA LEU C 62 -24.99 9.86 -4.78
C LEU C 62 -24.37 11.19 -4.33
N ASN C 63 -24.60 12.23 -5.14
CA ASN C 63 -24.10 13.55 -4.78
C ASN C 63 -25.17 14.63 -4.96
N GLN C 64 -26.21 14.28 -5.74
CA GLN C 64 -27.28 15.23 -5.99
C GLN C 64 -28.65 14.67 -5.61
N ASN C 65 -29.64 15.58 -5.55
CA ASN C 65 -30.98 15.16 -5.12
C ASN C 65 -32.03 15.52 -6.16
N ASP C 66 -32.32 14.58 -7.05
CA ASP C 66 -33.36 14.73 -8.08
C ASP C 66 -34.76 14.57 -7.50
N GLY C 67 -34.88 14.66 -6.18
CA GLY C 67 -36.18 14.51 -5.54
C GLY C 67 -36.75 13.11 -5.68
N THR C 68 -36.64 12.54 -6.88
CA THR C 68 -37.12 11.19 -7.16
C THR C 68 -36.13 10.19 -6.54
N GLU C 69 -35.99 10.28 -5.22
CA GLU C 69 -35.10 9.42 -4.45
C GLU C 69 -35.74 9.16 -3.10
N GLN C 70 -35.18 8.23 -2.34
CA GLN C 70 -35.74 7.92 -1.02
C GLN C 70 -34.71 7.31 -0.08
N TYR C 71 -34.55 7.94 1.08
CA TYR C 71 -33.58 7.52 2.07
C TYR C 71 -34.23 6.76 3.22
N VAL C 72 -33.47 5.89 3.87
CA VAL C 72 -33.97 5.11 4.99
C VAL C 72 -32.88 4.31 5.71
N GLY C 73 -32.82 4.47 7.02
CA GLY C 73 -31.83 3.77 7.82
C GLY C 73 -32.17 2.31 7.99
N VAL C 74 -31.19 1.54 8.47
CA VAL C 74 -31.35 0.10 8.68
C VAL C 74 -31.41 -0.27 10.17
N GLN C 75 -32.53 -0.81 10.63
CA GLN C 75 -32.61 -1.18 12.05
C GLN C 75 -31.46 -2.07 12.47
N LYS C 76 -31.45 -3.29 11.95
CA LYS C 76 -30.39 -4.23 12.27
C LYS C 76 -29.98 -5.09 11.07
N ILE C 77 -28.69 -5.38 10.99
CA ILE C 77 -28.16 -6.19 9.91
C ILE C 77 -27.95 -7.66 10.32
N VAL C 78 -28.06 -8.55 9.34
CA VAL C 78 -27.85 -9.96 9.59
C VAL C 78 -27.02 -10.49 8.43
N VAL C 79 -25.87 -11.03 8.78
CA VAL C 79 -24.93 -11.59 7.80
C VAL C 79 -25.07 -13.08 7.92
N HIS C 80 -24.67 -13.81 6.88
CA HIS C 80 -24.78 -15.26 6.94
C HIS C 80 -24.00 -15.77 8.15
N PRO C 81 -24.62 -16.64 8.95
CA PRO C 81 -23.95 -17.17 10.14
C PRO C 81 -22.61 -17.78 9.79
N TYR C 82 -22.52 -18.31 8.58
CA TYR C 82 -21.29 -18.94 8.12
C TYR C 82 -20.36 -18.03 7.32
N TRP C 83 -20.45 -16.72 7.52
CA TRP C 83 -19.56 -15.82 6.81
C TRP C 83 -18.42 -15.41 7.68
N ASN C 84 -17.24 -15.31 7.08
CA ASN C 84 -16.06 -14.90 7.80
C ASN C 84 -15.12 -14.19 6.85
N THR C 85 -14.79 -12.94 7.20
CA THR C 85 -13.90 -12.09 6.40
C THR C 85 -12.61 -12.81 6.07
N ASP C 86 -11.90 -13.27 7.09
CA ASP C 86 -10.66 -14.01 6.87
C ASP C 86 -10.81 -14.81 5.58
N ASP C 87 -11.50 -15.93 5.67
CA ASP C 87 -11.71 -16.75 4.48
C ASP C 87 -12.96 -16.30 3.72
N VAL C 88 -12.76 -15.36 2.80
CA VAL C 88 -13.85 -14.87 1.97
C VAL C 88 -14.19 -15.95 0.93
N ALA C 89 -13.15 -16.54 0.34
CA ALA C 89 -13.33 -17.58 -0.66
C ALA C 89 -14.28 -18.68 -0.20
N ALA C 90 -14.55 -18.72 1.11
CA ALA C 90 -15.46 -19.71 1.66
C ALA C 90 -16.88 -19.43 1.20
N GLY C 91 -17.08 -18.24 0.64
CA GLY C 91 -18.40 -17.83 0.20
C GLY C 91 -19.11 -17.22 1.39
N TYR C 92 -20.43 -17.24 1.37
CA TYR C 92 -21.21 -16.67 2.48
C TYR C 92 -21.05 -15.16 2.49
N ASP C 93 -20.69 -14.62 1.33
CA ASP C 93 -20.50 -13.18 1.15
C ASP C 93 -21.88 -12.67 0.83
N ILE C 94 -22.72 -12.57 1.84
CA ILE C 94 -24.09 -12.15 1.64
C ILE C 94 -24.77 -11.76 2.94
N ALA C 95 -25.40 -10.59 2.94
CA ALA C 95 -26.10 -10.12 4.13
C ALA C 95 -27.48 -9.62 3.76
N LEU C 96 -28.35 -9.55 4.77
CA LEU C 96 -29.69 -9.05 4.60
C LEU C 96 -29.83 -7.97 5.67
N LEU C 97 -30.01 -6.74 5.22
CA LEU C 97 -30.11 -5.59 6.08
C LEU C 97 -31.58 -5.25 6.15
N ARG C 98 -32.09 -4.93 7.32
CA ARG C 98 -33.50 -4.60 7.43
C ARG C 98 -33.64 -3.10 7.53
N LEU C 99 -34.60 -2.55 6.78
CA LEU C 99 -34.82 -1.11 6.78
C LEU C 99 -35.73 -0.71 7.94
N ALA C 100 -35.33 0.33 8.65
CA ALA C 100 -36.11 0.80 9.79
C ALA C 100 -37.54 1.10 9.37
N GLN C 101 -37.69 1.80 8.26
CA GLN C 101 -39.01 2.15 7.73
C GLN C 101 -39.24 1.49 6.37
N SER C 102 -40.39 0.83 6.18
CA SER C 102 -40.68 0.22 4.89
C SER C 102 -40.66 1.34 3.86
N VAL C 103 -41.22 1.13 2.68
CA VAL C 103 -41.21 2.18 1.68
C VAL C 103 -42.38 2.07 0.69
N THR C 104 -42.48 3.06 -0.18
CA THR C 104 -43.51 3.05 -1.22
C THR C 104 -42.81 2.57 -2.51
N LEU C 105 -43.41 1.62 -3.22
CA LEU C 105 -42.77 1.14 -4.43
C LEU C 105 -43.19 2.03 -5.59
N ASN C 106 -42.53 3.18 -5.67
CA ASN C 106 -42.79 4.18 -6.69
C ASN C 106 -42.54 3.65 -8.10
N SER C 107 -42.98 4.43 -9.08
CA SER C 107 -42.78 4.07 -10.48
C SER C 107 -41.28 3.99 -10.70
N TYR C 108 -40.54 4.44 -9.70
CA TYR C 108 -39.09 4.45 -9.79
C TYR C 108 -38.36 3.57 -8.79
N VAL C 109 -39.10 2.88 -7.92
CA VAL C 109 -38.53 1.96 -6.93
C VAL C 109 -39.39 0.70 -6.72
N GLN C 110 -39.25 -0.29 -7.60
CA GLN C 110 -40.03 -1.53 -7.46
C GLN C 110 -39.19 -2.43 -6.57
N LEU C 111 -39.47 -3.74 -6.56
CA LEU C 111 -38.66 -4.66 -5.76
C LEU C 111 -37.71 -5.38 -6.71
N GLY C 112 -36.81 -6.19 -6.15
CA GLY C 112 -35.96 -6.98 -7.03
C GLY C 112 -36.51 -8.41 -7.19
N VAL C 113 -35.90 -9.14 -8.14
CA VAL C 113 -36.33 -10.52 -8.38
C VAL C 113 -35.15 -11.48 -8.42
N LEU C 114 -35.20 -12.48 -7.53
CA LEU C 114 -34.13 -13.48 -7.49
C LEU C 114 -34.50 -14.74 -8.27
N PRO C 115 -33.47 -15.53 -8.59
CA PRO C 115 -33.65 -16.77 -9.33
C PRO C 115 -34.17 -17.90 -8.43
N ARG C 116 -34.53 -19.02 -9.08
CA ARG C 116 -34.98 -20.18 -8.32
C ARG C 116 -33.82 -20.87 -7.61
N ALA C 117 -34.16 -21.56 -6.51
CA ALA C 117 -33.12 -22.25 -5.74
C ALA C 117 -32.59 -23.48 -6.49
N GLY C 118 -31.25 -23.53 -6.61
CA GLY C 118 -30.63 -24.66 -7.30
C GLY C 118 -30.41 -24.38 -8.78
N THR C 119 -30.96 -23.22 -9.23
CA THR C 119 -30.81 -22.86 -10.63
C THR C 119 -29.37 -22.48 -10.97
N ILE C 120 -28.82 -23.16 -11.99
CA ILE C 120 -27.45 -22.87 -12.40
C ILE C 120 -27.42 -22.11 -13.73
N LEU C 121 -26.56 -21.08 -13.78
CA LEU C 121 -26.47 -20.27 -14.99
C LEU C 121 -25.53 -20.90 -16.01
N ALA C 122 -25.92 -20.78 -17.29
CA ALA C 122 -25.10 -21.35 -18.36
C ALA C 122 -23.92 -20.43 -18.72
N ASN C 123 -23.00 -20.79 -19.61
CA ASN C 123 -21.87 -19.90 -19.93
C ASN C 123 -22.24 -18.94 -21.04
N ASN C 124 -21.43 -17.91 -21.22
CA ASN C 124 -21.68 -16.90 -22.24
C ASN C 124 -23.08 -16.32 -22.05
N SER C 125 -23.66 -16.51 -20.86
CA SER C 125 -24.99 -16.02 -20.53
C SER C 125 -24.91 -14.56 -20.15
N PRO C 126 -25.32 -13.67 -21.06
CA PRO C 126 -25.30 -12.23 -20.83
C PRO C 126 -25.75 -11.81 -19.45
N CYS C 127 -25.12 -10.76 -18.94
CA CYS C 127 -25.40 -10.20 -17.66
C CYS C 127 -24.81 -8.82 -17.62
N TYR C 128 -25.31 -7.95 -16.74
CA TYR C 128 -24.81 -6.59 -16.65
C TYR C 128 -24.47 -6.24 -15.21
N ILE C 129 -23.33 -5.57 -15.04
CA ILE C 129 -22.88 -5.14 -13.72
C ILE C 129 -23.11 -3.63 -13.54
N THR C 130 -24.15 -3.27 -12.79
CA THR C 130 -24.48 -1.88 -12.54
C THR C 130 -23.83 -1.40 -11.24
N GLY C 131 -23.89 -0.09 -10.99
CA GLY C 131 -23.27 0.44 -9.79
C GLY C 131 -22.90 1.92 -9.82
N TRP C 132 -21.81 2.28 -9.18
CA TRP C 132 -21.40 3.67 -9.13
C TRP C 132 -19.88 3.84 -9.21
N GLN C 140 -13.73 12.91 -18.70
CA GLN C 140 -14.45 13.82 -17.82
C GLN C 140 -15.66 13.15 -17.17
N LEU C 141 -15.47 12.67 -15.94
CA LEU C 141 -16.53 11.99 -15.18
C LEU C 141 -16.33 12.16 -13.67
N ALA C 142 -17.34 11.76 -12.90
CA ALA C 142 -17.28 11.87 -11.44
C ALA C 142 -18.04 10.74 -10.72
N GLN C 143 -19.33 10.96 -10.43
CA GLN C 143 -20.14 9.97 -9.72
C GLN C 143 -21.64 9.90 -10.06
N THR C 144 -22.05 8.75 -10.60
CA THR C 144 -23.44 8.48 -10.99
C THR C 144 -23.58 7.04 -11.46
N LEU C 145 -24.75 6.45 -11.21
CA LEU C 145 -25.06 5.06 -11.57
C LEU C 145 -24.66 4.63 -12.97
N GLN C 146 -23.60 3.83 -13.05
CA GLN C 146 -23.10 3.33 -14.32
C GLN C 146 -23.53 1.87 -14.48
N GLN C 147 -23.07 1.24 -15.55
CA GLN C 147 -23.40 -0.16 -15.80
C GLN C 147 -22.43 -0.70 -16.84
N ALA C 148 -22.32 -2.02 -16.93
CA ALA C 148 -21.40 -2.62 -17.88
C ALA C 148 -21.84 -4.00 -18.25
N TYR C 149 -21.25 -4.53 -19.32
CA TYR C 149 -21.56 -5.88 -19.79
C TYR C 149 -20.55 -6.80 -19.11
N LEU C 150 -21.03 -7.87 -18.52
CA LEU C 150 -20.12 -8.78 -17.86
C LEU C 150 -20.62 -10.21 -17.97
N PRO C 151 -20.33 -10.86 -19.10
CA PRO C 151 -20.75 -12.24 -19.33
C PRO C 151 -20.29 -13.20 -18.23
N THR C 152 -21.06 -14.26 -18.02
CA THR C 152 -20.71 -15.23 -16.98
C THR C 152 -19.65 -16.19 -17.51
N VAL C 153 -19.04 -16.94 -16.60
CA VAL C 153 -18.01 -17.91 -16.94
C VAL C 153 -18.42 -19.27 -16.37
N ASP C 154 -18.54 -20.28 -17.25
CA ASP C 154 -18.94 -21.61 -16.84
C ASP C 154 -18.16 -22.07 -15.61
N TYR C 155 -18.88 -22.49 -14.57
CA TYR C 155 -18.25 -22.93 -13.34
C TYR C 155 -17.01 -23.79 -13.57
N ALA C 156 -17.17 -24.85 -14.37
CA ALA C 156 -16.06 -25.75 -14.68
C ALA C 156 -14.79 -24.96 -15.01
N ILE C 157 -14.94 -23.89 -15.79
CA ILE C 157 -13.83 -23.05 -16.19
C ILE C 157 -13.21 -22.32 -14.99
N CYS C 158 -13.98 -21.36 -14.45
CA CYS C 158 -13.49 -20.58 -13.32
C CYS C 158 -12.72 -21.44 -12.32
N SER C 159 -13.24 -22.67 -12.12
CA SER C 159 -12.61 -23.56 -11.16
C SER C 159 -11.26 -24.07 -11.65
N SER C 160 -11.19 -24.31 -12.98
CA SER C 160 -9.94 -24.78 -13.57
C SER C 160 -8.74 -24.05 -12.98
N SER C 161 -7.61 -24.79 -12.89
CA SER C 161 -6.41 -24.20 -12.34
C SER C 161 -5.85 -23.09 -13.24
N SER C 162 -6.55 -22.88 -14.37
CA SER C 162 -6.10 -21.86 -15.30
C SER C 162 -6.82 -20.52 -15.07
N TYR C 163 -7.76 -20.55 -14.11
CA TYR C 163 -8.51 -19.33 -13.81
C TYR C 163 -8.36 -18.93 -12.33
N TRP C 164 -9.33 -19.40 -11.53
CA TRP C 164 -9.29 -19.07 -10.10
C TRP C 164 -8.80 -20.25 -9.26
N GLY C 165 -9.13 -21.47 -9.76
CA GLY C 165 -8.72 -22.66 -9.03
C GLY C 165 -9.81 -23.14 -8.07
N SER C 166 -9.37 -23.66 -6.91
CA SER C 166 -10.34 -24.13 -5.92
C SER C 166 -11.21 -22.98 -5.42
N THR C 167 -10.57 -21.88 -5.05
CA THR C 167 -11.29 -20.72 -4.53
C THR C 167 -12.72 -20.69 -5.06
N VAL C 168 -12.85 -20.45 -6.36
CA VAL C 168 -14.18 -20.42 -6.96
C VAL C 168 -14.93 -21.72 -6.67
N LYS C 169 -16.05 -21.56 -6.00
CA LYS C 169 -16.90 -22.68 -5.63
C LYS C 169 -18.14 -22.72 -6.50
N ASN C 170 -19.10 -23.55 -6.11
CA ASN C 170 -20.35 -23.70 -6.85
C ASN C 170 -21.36 -22.71 -6.30
N SER C 171 -21.07 -22.17 -5.13
CA SER C 171 -21.96 -21.20 -4.50
C SER C 171 -21.43 -19.83 -4.89
N MET C 172 -21.07 -19.68 -6.16
CA MET C 172 -20.53 -18.43 -6.68
C MET C 172 -20.82 -18.23 -8.17
N VAL C 173 -20.42 -17.08 -8.72
CA VAL C 173 -20.65 -16.76 -10.13
C VAL C 173 -19.54 -15.92 -10.74
N CYS C 174 -18.93 -16.40 -11.82
CA CYS C 174 -17.85 -15.66 -12.49
C CYS C 174 -18.34 -14.92 -13.75
N ALA C 175 -18.12 -13.62 -13.79
CA ALA C 175 -18.51 -12.84 -14.95
C ALA C 175 -17.24 -12.27 -15.60
N GLY C 176 -17.38 -11.77 -16.82
CA GLY C 176 -16.23 -11.22 -17.51
C GLY C 176 -15.08 -12.20 -17.69
N GLY C 177 -13.91 -11.86 -17.18
CA GLY C 177 -12.77 -12.73 -17.32
C GLY C 177 -12.17 -12.64 -18.71
N CYS C 184 -16.57 -4.43 -10.79
CA CYS C 184 -15.24 -4.38 -10.17
C CYS C 184 -15.21 -3.43 -8.99
N GLN C 185 -14.27 -2.47 -9.04
CA GLN C 185 -14.16 -1.51 -7.95
C GLN C 185 -15.07 -0.29 -8.18
N GLY C 186 -15.38 0.41 -7.08
CA GLY C 186 -16.24 1.57 -7.19
C GLY C 186 -17.54 1.38 -6.39
N ASP C 187 -18.44 0.54 -6.96
CA ASP C 187 -19.69 0.28 -6.29
C ASP C 187 -19.66 -1.06 -5.53
N SER C 188 -18.55 -1.24 -4.80
CA SER C 188 -18.37 -2.49 -4.08
C SER C 188 -19.71 -3.15 -3.75
N GLY C 189 -19.78 -4.46 -4.09
CA GLY C 189 -21.01 -5.20 -3.82
C GLY C 189 -22.11 -4.84 -4.81
N GLY C 190 -21.71 -4.34 -5.99
CA GLY C 190 -22.66 -3.99 -7.02
C GLY C 190 -23.34 -5.23 -7.57
N PRO C 191 -24.68 -5.29 -7.53
CA PRO C 191 -25.45 -6.44 -8.01
C PRO C 191 -25.18 -6.85 -9.45
N LEU C 192 -25.43 -8.12 -9.74
CA LEU C 192 -25.25 -8.66 -11.09
C LEU C 192 -26.58 -9.21 -11.61
N HIS C 193 -27.15 -8.51 -12.59
CA HIS C 193 -28.37 -8.88 -13.29
C HIS C 193 -28.07 -9.78 -14.49
N CYS C 194 -29.05 -10.64 -14.80
CA CYS C 194 -28.88 -11.56 -15.93
C CYS C 194 -30.20 -11.85 -16.63
N LEU C 195 -30.09 -12.14 -17.95
CA LEU C 195 -31.29 -12.46 -18.72
C LEU C 195 -31.35 -13.95 -19.06
N VAL C 196 -32.08 -14.70 -18.20
CA VAL C 196 -32.21 -16.13 -18.42
C VAL C 196 -33.44 -16.45 -19.28
N ASN C 197 -33.35 -16.11 -20.57
CA ASN C 197 -34.45 -16.37 -21.47
C ASN C 197 -35.77 -15.81 -20.92
N GLY C 198 -35.90 -14.47 -21.01
CA GLY C 198 -37.10 -13.83 -20.50
C GLY C 198 -36.86 -13.14 -19.16
N GLN C 199 -36.77 -13.97 -18.11
CA GLN C 199 -36.55 -13.42 -16.77
C GLN C 199 -35.32 -12.50 -16.75
N TYR C 200 -35.22 -11.71 -15.66
CA TYR C 200 -34.10 -10.79 -15.53
C TYR C 200 -33.80 -10.47 -14.06
N ALA C 201 -33.88 -11.52 -13.23
CA ALA C 201 -33.61 -11.33 -11.81
C ALA C 201 -32.11 -11.20 -11.52
N VAL C 202 -31.82 -10.99 -10.22
CA VAL C 202 -30.44 -10.83 -9.81
C VAL C 202 -29.80 -12.18 -9.46
N HIS C 203 -28.81 -12.60 -10.26
CA HIS C 203 -28.12 -13.87 -10.02
C HIS C 203 -26.93 -13.74 -9.08
N GLY C 204 -26.45 -12.53 -8.87
CA GLY C 204 -25.32 -12.39 -7.98
C GLY C 204 -25.01 -11.00 -7.50
N VAL C 205 -24.17 -10.95 -6.47
CA VAL C 205 -23.69 -9.74 -5.85
C VAL C 205 -22.16 -9.91 -5.68
N THR C 206 -21.39 -8.96 -6.19
CA THR C 206 -19.93 -9.02 -6.11
C THR C 206 -19.43 -9.63 -4.81
N SER C 207 -18.51 -10.58 -4.92
CA SER C 207 -17.94 -11.23 -3.74
C SER C 207 -16.54 -10.70 -3.57
N PHE C 208 -15.70 -10.94 -4.58
CA PHE C 208 -14.30 -10.48 -4.60
C PHE C 208 -13.72 -10.48 -6.01
N VAL C 209 -12.65 -9.71 -6.18
CA VAL C 209 -11.95 -9.57 -7.46
C VAL C 209 -10.53 -10.11 -7.32
N SER C 210 -9.80 -10.22 -8.44
CA SER C 210 -8.43 -10.71 -8.40
C SER C 210 -7.65 -9.78 -7.50
N ARG C 211 -6.33 -9.91 -7.44
CA ARG C 211 -5.57 -9.01 -6.57
C ARG C 211 -4.86 -7.93 -7.38
N LEU C 212 -5.23 -7.83 -8.66
CA LEU C 212 -4.67 -6.83 -9.57
C LEU C 212 -5.81 -5.93 -10.04
N GLY C 213 -7.03 -6.28 -9.62
CA GLY C 213 -8.21 -5.51 -9.99
C GLY C 213 -9.01 -6.16 -11.09
N CYS C 214 -9.10 -5.48 -12.23
CA CYS C 214 -9.84 -6.02 -13.37
C CYS C 214 -9.17 -5.66 -14.70
N ASN C 215 -7.96 -6.17 -14.84
CA ASN C 215 -7.14 -6.02 -16.03
C ASN C 215 -6.54 -7.40 -16.19
N VAL C 216 -6.65 -8.18 -15.11
CA VAL C 216 -6.14 -9.54 -15.06
C VAL C 216 -7.10 -10.51 -15.76
N THR C 217 -6.63 -11.08 -16.87
CA THR C 217 -7.41 -12.03 -17.64
C THR C 217 -7.22 -13.41 -17.03
N ARG C 218 -7.98 -14.39 -17.53
CA ARG C 218 -7.92 -15.76 -17.03
C ARG C 218 -8.23 -15.77 -15.53
N LYS C 219 -8.73 -14.63 -15.06
CA LYS C 219 -9.13 -14.46 -13.67
C LYS C 219 -10.24 -13.40 -13.69
N PRO C 220 -11.50 -13.83 -13.56
CA PRO C 220 -12.59 -12.88 -13.57
C PRO C 220 -13.07 -12.51 -12.18
N THR C 221 -13.75 -11.38 -12.08
CA THR C 221 -14.30 -10.97 -10.80
C THR C 221 -15.26 -12.11 -10.49
N VAL C 222 -15.51 -12.34 -9.21
CA VAL C 222 -16.43 -13.40 -8.84
C VAL C 222 -17.57 -12.89 -7.96
N PHE C 223 -18.77 -13.33 -8.29
CA PHE C 223 -19.98 -12.92 -7.59
C PHE C 223 -20.51 -14.06 -6.76
N THR C 224 -21.35 -13.76 -5.77
CA THR C 224 -21.92 -14.81 -4.94
C THR C 224 -23.17 -15.35 -5.63
N ARG C 225 -23.31 -16.67 -5.66
CA ARG C 225 -24.46 -17.31 -6.29
C ARG C 225 -25.64 -17.08 -5.35
N VAL C 226 -26.30 -15.93 -5.44
CA VAL C 226 -27.42 -15.67 -4.55
C VAL C 226 -28.36 -16.86 -4.46
N SER C 227 -28.69 -17.44 -5.61
CA SER C 227 -29.60 -18.59 -5.67
C SER C 227 -29.10 -19.72 -4.77
N ALA C 228 -27.83 -19.65 -4.41
CA ALA C 228 -27.22 -20.64 -3.53
C ALA C 228 -27.55 -20.31 -2.11
N TYR C 229 -28.31 -19.23 -1.91
CA TYR C 229 -28.69 -18.80 -0.56
C TYR C 229 -30.12 -18.29 -0.58
N ILE C 230 -30.98 -18.89 -1.39
CA ILE C 230 -32.36 -18.45 -1.45
C ILE C 230 -33.18 -19.02 -0.31
N SER C 231 -33.30 -20.34 -0.23
CA SER C 231 -34.08 -20.93 0.86
C SER C 231 -33.67 -20.21 2.14
N TRP C 232 -32.42 -19.77 2.20
CA TRP C 232 -31.91 -19.05 3.37
C TRP C 232 -32.68 -17.76 3.54
N ILE C 233 -32.57 -16.88 2.56
CA ILE C 233 -33.26 -15.61 2.59
C ILE C 233 -34.68 -15.77 3.12
N ASN C 234 -35.36 -16.83 2.69
CA ASN C 234 -36.72 -17.05 3.15
C ASN C 234 -36.75 -17.27 4.67
N ASN C 235 -35.95 -18.21 5.17
CA ASN C 235 -35.88 -18.49 6.60
C ASN C 235 -35.65 -17.20 7.35
N VAL C 236 -34.80 -16.34 6.81
CA VAL C 236 -34.46 -15.07 7.44
C VAL C 236 -35.62 -14.08 7.51
N ILE C 237 -35.96 -13.47 6.38
CA ILE C 237 -37.03 -12.48 6.35
C ILE C 237 -38.33 -12.98 6.97
N ALA C 238 -38.47 -14.30 7.08
CA ALA C 238 -39.66 -14.92 7.66
C ALA C 238 -39.52 -14.92 9.18
N SER C 239 -38.27 -14.98 9.65
CA SER C 239 -37.99 -14.99 11.08
C SER C 239 -37.99 -13.58 11.63
N ASN C 240 -39.12 -12.91 11.54
CA ASN C 240 -39.23 -11.55 12.02
C ASN C 240 -40.68 -11.28 12.42
#